data_6VC5
#
_entry.id   6VC5
#
_cell.length_a   120.520
_cell.length_b   120.520
_cell.length_c   47.588
_cell.angle_alpha   90.000
_cell.angle_beta   90.000
_cell.angle_gamma   90.000
#
_symmetry.space_group_name_H-M   'I 4'
#
loop_
_entity.id
_entity.type
_entity.pdbx_description
1 polymer Endoglucanase
2 non-polymer GLYCEROL
3 water water
#
_entity_poly.entity_id   1
_entity_poly.type   'polypeptide(L)'
_entity_poly.pdbx_seq_one_letter_code
;SNAIAQQWAIFRDKYFHPNGRIIDTGNSGESHSEGQGYGMLFSAAAGDQAAFEVIWVWARTNLQHKDDALFSWRYLDGHK
PPVADKNNATDGDLLIALALAWAGKRWKRADYIQDAMNIYGDVLKLMTKSVGPYTVLLPGAVGFLTKDTVTLNLSYYVMP
SLMQAFALTGDAKWTKVMGDGLQIIAKGRFGEWKLPPDWLSINLHTNAFSIAKGWPPRFSYDAIRVPLYLSWAHMLTPEL
LADFSRFWNHYGASALPGWVDLTNGARSPYNAPPGYLAVASCTGLASAGELPTLDHAPDYYSAALTMLAYIARNQADLYF
A
;
_entity_poly.pdbx_strand_id   A
#
loop_
_chem_comp.id
_chem_comp.type
_chem_comp.name
_chem_comp.formula
GOL non-polymer GLYCEROL 'C3 H8 O3'
#
# COMPACT_ATOMS: atom_id res chain seq x y z
N ALA A 3 6.10 13.80 15.09
CA ALA A 3 7.11 14.14 14.11
C ALA A 3 7.77 12.88 13.55
N ILE A 4 8.04 12.88 12.25
CA ILE A 4 8.33 11.64 11.54
C ILE A 4 9.61 11.00 12.04
N ALA A 5 10.65 11.79 12.26
CA ALA A 5 11.91 11.21 12.72
C ALA A 5 11.74 10.50 14.06
N GLN A 6 10.91 11.05 14.95
CA GLN A 6 10.74 10.41 16.25
C GLN A 6 9.88 9.16 16.15
N GLN A 7 8.86 9.17 15.29
CA GLN A 7 8.07 7.96 15.09
C GLN A 7 8.87 6.87 14.39
N TRP A 8 9.70 7.25 13.41
CA TRP A 8 10.57 6.26 12.78
C TRP A 8 11.52 5.62 13.79
N ALA A 9 12.06 6.41 14.73
CA ALA A 9 12.96 5.84 15.73
C ALA A 9 12.30 4.73 16.53
N ILE A 10 11.01 4.90 16.86
CA ILE A 10 10.26 3.84 17.55
C ILE A 10 10.09 2.62 16.64
N PHE A 11 9.62 2.85 15.41
CA PHE A 11 9.45 1.74 14.46
C PHE A 11 10.77 1.00 14.28
N ARG A 12 11.85 1.75 14.09
CA ARG A 12 13.16 1.15 13.86
C ARG A 12 13.61 0.31 15.05
N ASP A 13 13.40 0.83 16.27
CA ASP A 13 13.80 0.08 17.46
C ASP A 13 13.08 -1.26 17.54
N LYS A 14 11.81 -1.30 17.10
CA LYS A 14 11.00 -2.50 17.26
C LYS A 14 11.24 -3.53 16.15
N TYR A 15 11.42 -3.07 14.90
CA TYR A 15 11.32 -3.96 13.76
C TYR A 15 12.53 -4.00 12.84
N PHE A 16 13.48 -3.08 13.00
CA PHE A 16 14.66 -3.02 12.15
C PHE A 16 15.80 -3.85 12.74
N HIS A 17 16.49 -4.59 11.89
CA HIS A 17 17.67 -5.35 12.27
C HIS A 17 18.89 -4.84 11.50
N PRO A 18 20.07 -4.94 12.10
CA PRO A 18 21.27 -4.32 11.49
C PRO A 18 21.63 -4.85 10.11
N ASN A 19 21.22 -6.06 9.74
CA ASN A 19 21.44 -6.56 8.39
C ASN A 19 20.52 -5.95 7.35
N GLY A 20 19.57 -5.10 7.77
CA GLY A 20 18.66 -4.47 6.84
C GLY A 20 17.28 -5.08 6.78
N ARG A 21 17.03 -6.17 7.50
CA ARG A 21 15.72 -6.82 7.47
C ARG A 21 14.72 -6.07 8.34
N ILE A 22 13.50 -5.95 7.84
CA ILE A 22 12.36 -5.50 8.63
C ILE A 22 11.59 -6.77 9.00
N ILE A 23 11.36 -6.99 10.29
CA ILE A 23 10.73 -8.22 10.77
C ILE A 23 9.68 -7.88 11.81
N ASP A 24 8.46 -8.36 11.60
CA ASP A 24 7.39 -8.25 12.60
C ASP A 24 7.68 -9.23 13.73
N THR A 25 7.71 -8.70 14.96
CA THR A 25 8.03 -9.54 16.11
C THR A 25 7.02 -10.67 16.31
N GLY A 26 5.79 -10.48 15.84
CA GLY A 26 4.77 -11.52 15.95
C GLY A 26 4.72 -12.50 14.82
N ASN A 27 5.50 -12.27 13.76
CA ASN A 27 5.66 -13.17 12.64
C ASN A 27 7.15 -13.18 12.33
N SER A 28 7.92 -13.68 13.29
CA SER A 28 9.36 -13.45 13.36
C SER A 28 10.15 -14.22 12.31
N GLY A 29 9.52 -15.11 11.56
CA GLY A 29 10.27 -15.92 10.62
C GLY A 29 10.11 -15.52 9.17
N GLU A 30 9.79 -14.27 8.91
CA GLU A 30 9.68 -13.79 7.53
C GLU A 30 9.95 -12.31 7.37
N SER A 31 10.40 -11.97 6.18
CA SER A 31 10.45 -10.58 5.73
C SER A 31 9.77 -10.53 4.38
N HIS A 32 9.12 -9.41 4.08
CA HIS A 32 8.27 -9.26 2.89
C HIS A 32 8.76 -8.09 2.07
N SER A 33 8.48 -8.10 0.77
CA SER A 33 8.82 -6.93 -0.03
C SER A 33 8.07 -5.68 0.45
N GLU A 34 6.83 -5.84 0.92
CA GLU A 34 6.08 -4.70 1.44
C GLU A 34 6.76 -4.15 2.69
N GLY A 35 7.26 -5.03 3.55
CA GLY A 35 7.94 -4.60 4.77
C GLY A 35 9.26 -3.89 4.50
N GLN A 36 10.06 -4.43 3.58
CA GLN A 36 11.28 -3.73 3.21
C GLN A 36 10.93 -2.38 2.59
N GLY A 37 9.86 -2.34 1.81
CA GLY A 37 9.42 -1.09 1.22
C GLY A 37 9.02 -0.06 2.26
N TYR A 38 8.31 -0.49 3.31
CA TYR A 38 7.98 0.43 4.40
C TYR A 38 9.23 0.93 5.09
N GLY A 39 10.18 0.02 5.38
CA GLY A 39 11.41 0.44 6.03
C GLY A 39 12.16 1.47 5.21
N MET A 40 12.23 1.24 3.89
CA MET A 40 12.89 2.18 2.99
C MET A 40 12.13 3.50 2.92
N LEU A 41 10.80 3.44 2.81
CA LEU A 41 10.01 4.67 2.70
C LEU A 41 10.11 5.50 3.98
N PHE A 42 9.97 4.85 5.15
CA PHE A 42 10.00 5.58 6.41
C PHE A 42 11.38 6.17 6.69
N SER A 43 12.44 5.41 6.42
CA SER A 43 13.79 5.91 6.64
C SER A 43 14.14 7.04 5.67
N ALA A 44 13.67 6.96 4.42
CA ALA A 44 13.87 8.08 3.50
C ALA A 44 13.14 9.33 3.98
N ALA A 45 11.88 9.19 4.40
CA ALA A 45 11.11 10.33 4.89
C ALA A 45 11.74 10.93 6.15
N ALA A 46 12.26 10.07 7.04
CA ALA A 46 12.86 10.51 8.28
C ALA A 46 14.29 11.01 8.12
N GLY A 47 14.93 10.77 6.97
CA GLY A 47 16.30 11.19 6.76
C GLY A 47 17.35 10.31 7.38
N ASP A 48 17.07 9.02 7.55
CA ASP A 48 18.00 8.07 8.19
C ASP A 48 18.69 7.27 7.08
N GLN A 49 19.75 7.85 6.53
CA GLN A 49 20.40 7.23 5.38
C GLN A 49 21.11 5.93 5.74
N ALA A 50 21.71 5.85 6.92
CA ALA A 50 22.39 4.62 7.32
C ALA A 50 21.43 3.45 7.34
N ALA A 51 20.20 3.67 7.81
CA ALA A 51 19.21 2.61 7.80
C ALA A 51 18.75 2.32 6.37
N PHE A 52 18.41 3.37 5.61
CA PHE A 52 17.92 3.18 4.25
C PHE A 52 18.88 2.31 3.45
N GLU A 53 20.17 2.64 3.53
CA GLU A 53 21.18 1.97 2.70
C GLU A 53 21.18 0.47 2.91
N VAL A 54 21.14 0.02 4.17
CA VAL A 54 21.18 -1.41 4.46
C VAL A 54 19.85 -2.09 4.17
N ILE A 55 18.71 -1.41 4.38
CA ILE A 55 17.42 -2.02 4.05
C ILE A 55 17.31 -2.27 2.56
N TRP A 56 17.73 -1.30 1.74
CA TRP A 56 17.72 -1.48 0.29
C TRP A 56 18.70 -2.56 -0.16
N VAL A 57 19.94 -2.55 0.34
CA VAL A 57 20.89 -3.58 -0.07
C VAL A 57 20.37 -4.97 0.27
N TRP A 58 19.75 -5.14 1.44
CA TRP A 58 19.19 -6.44 1.78
C TRP A 58 18.09 -6.84 0.80
N ALA A 59 17.18 -5.91 0.49
CA ALA A 59 16.08 -6.24 -0.41
C ALA A 59 16.58 -6.55 -1.82
N ARG A 60 17.53 -5.76 -2.32
CA ARG A 60 18.07 -6.00 -3.65
C ARG A 60 18.77 -7.34 -3.72
N THR A 61 19.56 -7.66 -2.69
CA THR A 61 20.35 -8.89 -2.67
C THR A 61 19.47 -10.12 -2.55
N ASN A 62 18.43 -10.07 -1.72
CA ASN A 62 17.70 -11.28 -1.36
C ASN A 62 16.36 -11.43 -2.07
N LEU A 63 15.71 -10.34 -2.46
CA LEU A 63 14.36 -10.41 -3.03
C LEU A 63 14.28 -10.02 -4.49
N GLN A 64 15.13 -9.13 -5.00
CA GLN A 64 14.96 -8.68 -6.37
C GLN A 64 15.22 -9.80 -7.37
N HIS A 65 14.37 -9.86 -8.41
CA HIS A 65 14.50 -10.90 -9.42
C HIS A 65 15.78 -10.75 -10.22
N LYS A 66 16.18 -11.87 -10.84
CA LYS A 66 17.32 -11.94 -11.72
C LYS A 66 17.00 -11.38 -13.11
N ASP A 67 15.82 -11.72 -13.64
CA ASP A 67 15.42 -11.45 -15.01
C ASP A 67 14.54 -10.21 -15.16
N ASP A 68 14.08 -9.63 -14.06
CA ASP A 68 13.36 -8.37 -14.11
C ASP A 68 13.63 -7.64 -12.80
N ALA A 69 13.08 -6.43 -12.67
CA ALA A 69 13.37 -5.59 -11.51
C ALA A 69 12.33 -5.72 -10.40
N LEU A 70 11.34 -6.59 -10.56
CA LEU A 70 10.35 -6.79 -9.49
C LEU A 70 10.95 -7.66 -8.38
N PHE A 71 10.18 -7.88 -7.31
CA PHE A 71 10.68 -8.49 -6.09
C PHE A 71 9.85 -9.71 -5.72
N SER A 72 10.54 -10.79 -5.36
CA SER A 72 9.84 -11.90 -4.74
C SER A 72 9.21 -11.40 -3.44
N TRP A 73 7.99 -11.88 -3.15
CA TRP A 73 7.22 -11.23 -2.10
C TRP A 73 7.72 -11.55 -0.69
N ARG A 74 8.40 -12.68 -0.50
CA ARG A 74 8.71 -13.14 0.85
C ARG A 74 10.05 -13.87 0.93
N TYR A 75 10.74 -13.63 2.04
CA TYR A 75 11.87 -14.44 2.50
C TYR A 75 11.39 -15.20 3.73
N LEU A 76 11.47 -16.53 3.67
CA LEU A 76 10.95 -17.41 4.73
C LEU A 76 12.13 -18.08 5.42
N ASP A 77 12.41 -17.67 6.67
CA ASP A 77 13.53 -18.23 7.40
C ASP A 77 13.39 -19.74 7.52
N GLY A 78 14.50 -20.45 7.28
CA GLY A 78 14.52 -21.88 7.43
C GLY A 78 13.97 -22.67 6.26
N HIS A 79 13.30 -22.01 5.32
CA HIS A 79 12.89 -22.70 4.11
C HIS A 79 14.10 -22.87 3.21
N LYS A 80 14.17 -23.96 2.48
CA LYS A 80 15.28 -24.18 1.58
C LYS A 80 14.75 -24.24 0.17
N PRO A 81 15.05 -23.23 -0.64
CA PRO A 81 15.76 -22.00 -0.24
C PRO A 81 14.80 -21.01 0.40
N PRO A 82 15.32 -19.99 1.08
CA PRO A 82 14.39 -19.06 1.75
C PRO A 82 13.44 -18.24 0.87
N VAL A 83 13.82 -17.97 -0.36
CA VAL A 83 12.98 -17.23 -1.30
C VAL A 83 12.59 -18.19 -2.42
N ALA A 84 11.74 -19.16 -2.09
CA ALA A 84 11.37 -20.20 -3.03
C ALA A 84 10.20 -19.82 -3.93
N ASP A 85 9.31 -18.94 -3.46
CA ASP A 85 8.17 -18.47 -4.24
C ASP A 85 8.58 -17.15 -4.90
N LYS A 86 8.67 -17.15 -6.23
CA LYS A 86 9.12 -15.96 -6.93
C LYS A 86 8.00 -14.98 -7.26
N ASN A 87 6.75 -15.29 -6.89
CA ASN A 87 5.65 -14.38 -7.14
C ASN A 87 5.92 -13.03 -6.46
N ASN A 88 5.51 -11.95 -7.11
CA ASN A 88 5.68 -10.60 -6.58
C ASN A 88 4.36 -10.10 -6.01
N ALA A 89 4.47 -9.01 -5.24
CA ALA A 89 3.32 -8.26 -4.78
C ALA A 89 3.51 -6.83 -5.26
N THR A 90 2.59 -6.36 -6.11
CA THR A 90 2.81 -5.09 -6.78
C THR A 90 2.89 -3.91 -5.81
N ASP A 91 2.21 -3.99 -4.66
CA ASP A 91 2.32 -2.88 -3.71
C ASP A 91 3.73 -2.81 -3.12
N GLY A 92 4.34 -3.96 -2.85
CA GLY A 92 5.74 -3.94 -2.42
C GLY A 92 6.66 -3.34 -3.48
N ASP A 93 6.49 -3.76 -4.73
CA ASP A 93 7.28 -3.19 -5.82
C ASP A 93 7.15 -1.67 -5.87
N LEU A 94 5.91 -1.17 -5.76
CA LEU A 94 5.66 0.27 -5.89
C LEU A 94 6.14 1.05 -4.67
N LEU A 95 6.08 0.46 -3.48
CA LEU A 95 6.59 1.13 -2.28
C LEU A 95 8.11 1.25 -2.32
N ILE A 96 8.80 0.18 -2.72
CA ILE A 96 10.25 0.21 -2.86
C ILE A 96 10.66 1.26 -3.89
N ALA A 97 9.97 1.29 -5.04
CA ALA A 97 10.31 2.27 -6.07
C ALA A 97 10.09 3.71 -5.58
N LEU A 98 8.98 3.98 -4.90
CA LEU A 98 8.75 5.32 -4.37
C LEU A 98 9.85 5.71 -3.38
N ALA A 99 10.24 4.78 -2.50
CA ALA A 99 11.28 5.07 -1.52
C ALA A 99 12.61 5.39 -2.20
N LEU A 100 12.97 4.61 -3.24
CA LEU A 100 14.19 4.90 -4.00
C LEU A 100 14.14 6.25 -4.68
N ALA A 101 12.99 6.62 -5.23
CA ALA A 101 12.84 7.94 -5.83
C ALA A 101 13.05 9.03 -4.79
N TRP A 102 12.43 8.89 -3.61
CA TRP A 102 12.63 9.89 -2.57
C TRP A 102 14.07 9.95 -2.09
N ALA A 103 14.69 8.80 -1.87
CA ALA A 103 16.07 8.76 -1.40
C ALA A 103 17.01 9.34 -2.45
N GLY A 104 16.77 9.04 -3.72
CA GLY A 104 17.65 9.55 -4.76
C GLY A 104 17.54 11.04 -4.90
N LYS A 105 16.35 11.59 -4.66
CA LYS A 105 16.17 13.04 -4.73
C LYS A 105 16.80 13.73 -3.52
N ARG A 106 16.50 13.23 -2.32
CA ARG A 106 16.95 13.93 -1.11
C ARG A 106 18.46 13.82 -0.90
N TRP A 107 19.08 12.71 -1.30
CA TRP A 107 20.51 12.50 -1.09
C TRP A 107 21.30 12.65 -2.39
N LYS A 108 20.67 13.07 -3.48
CA LYS A 108 21.35 13.38 -4.74
C LYS A 108 22.05 12.16 -5.32
N ARG A 109 21.37 11.01 -5.27
CA ARG A 109 21.93 9.72 -5.64
C ARG A 109 21.27 9.26 -6.93
N ALA A 110 21.95 9.48 -8.06
CA ALA A 110 21.38 9.14 -9.35
C ALA A 110 21.16 7.65 -9.49
N ASP A 111 21.96 6.84 -8.79
CA ASP A 111 21.77 5.39 -8.86
C ASP A 111 20.45 4.96 -8.25
N TYR A 112 20.01 5.63 -7.18
CA TYR A 112 18.71 5.30 -6.59
C TYR A 112 17.58 5.67 -7.53
N ILE A 113 17.72 6.78 -8.26
CA ILE A 113 16.71 7.15 -9.26
C ILE A 113 16.66 6.11 -10.37
N GLN A 114 17.82 5.65 -10.85
CA GLN A 114 17.82 4.61 -11.87
C GLN A 114 17.17 3.33 -11.35
N ASP A 115 17.48 2.96 -10.10
CA ASP A 115 16.85 1.78 -9.50
C ASP A 115 15.33 1.91 -9.52
N ALA A 116 14.82 3.08 -9.13
CA ALA A 116 13.38 3.30 -9.13
C ALA A 116 12.80 3.19 -10.53
N MET A 117 13.46 3.79 -11.51
CA MET A 117 12.97 3.75 -12.89
C MET A 117 12.97 2.34 -13.46
N ASN A 118 13.96 1.52 -13.08
CA ASN A 118 13.96 0.12 -13.51
C ASN A 118 12.75 -0.63 -12.97
N ILE A 119 12.42 -0.43 -11.68
CA ILE A 119 11.24 -1.07 -11.11
C ILE A 119 9.97 -0.58 -11.80
N TYR A 120 9.82 0.74 -11.93
CA TYR A 120 8.61 1.28 -12.53
C TYR A 120 8.43 0.77 -13.94
N GLY A 121 9.52 0.71 -14.70
CA GLY A 121 9.45 0.19 -16.06
C GLY A 121 8.91 -1.23 -16.12
N ASP A 122 9.34 -2.08 -15.19
CA ASP A 122 8.85 -3.46 -15.18
C ASP A 122 7.43 -3.60 -14.62
N VAL A 123 7.02 -2.74 -13.67
CA VAL A 123 5.61 -2.73 -13.27
C VAL A 123 4.73 -2.40 -14.47
N LEU A 124 5.08 -1.35 -15.21
CA LEU A 124 4.28 -0.96 -16.37
C LEU A 124 4.25 -2.06 -17.42
N LYS A 125 5.39 -2.71 -17.64
CA LYS A 125 5.50 -3.72 -18.70
C LYS A 125 4.86 -5.04 -18.31
N LEU A 126 5.05 -5.50 -17.07
CA LEU A 126 4.64 -6.84 -16.68
C LEU A 126 3.35 -6.89 -15.86
N MET A 127 2.96 -5.80 -15.20
CA MET A 127 1.85 -5.82 -14.25
C MET A 127 0.67 -4.96 -14.70
N THR A 128 0.59 -4.61 -15.97
CA THR A 128 -0.59 -3.95 -16.51
C THR A 128 -1.23 -4.84 -17.56
N LYS A 129 -2.56 -4.73 -17.67
CA LYS A 129 -3.30 -5.55 -18.61
C LYS A 129 -4.50 -4.76 -19.11
N SER A 130 -4.82 -4.90 -20.40
CA SER A 130 -6.05 -4.32 -20.94
C SER A 130 -7.23 -5.19 -20.54
N VAL A 131 -8.22 -4.59 -19.87
CA VAL A 131 -9.41 -5.27 -19.39
C VAL A 131 -10.61 -4.39 -19.74
N GLY A 132 -11.47 -4.85 -20.64
CA GLY A 132 -12.56 -4.02 -21.08
C GLY A 132 -12.04 -2.67 -21.56
N PRO A 133 -12.63 -1.59 -21.06
CA PRO A 133 -12.16 -0.25 -21.46
C PRO A 133 -11.00 0.29 -20.62
N TYR A 134 -10.39 -0.53 -19.77
CA TYR A 134 -9.39 -0.10 -18.81
C TYR A 134 -8.02 -0.68 -19.10
N THR A 135 -7.00 -0.02 -18.56
CA THR A 135 -5.71 -0.63 -18.31
C THR A 135 -5.61 -0.78 -16.80
N VAL A 136 -5.45 -2.02 -16.32
CA VAL A 136 -5.49 -2.31 -14.89
C VAL A 136 -4.10 -2.66 -14.39
N LEU A 137 -3.93 -2.49 -13.08
CA LEU A 137 -2.71 -2.86 -12.37
C LEU A 137 -2.93 -4.20 -11.66
N LEU A 138 -2.20 -5.25 -12.10
CA LEU A 138 -2.33 -6.57 -11.51
C LEU A 138 -1.62 -6.63 -10.15
N PRO A 139 -2.16 -7.39 -9.18
CA PRO A 139 -1.53 -7.47 -7.86
C PRO A 139 -0.29 -8.34 -7.82
N GLY A 140 -0.05 -9.15 -8.83
CA GLY A 140 1.10 -10.06 -8.86
C GLY A 140 1.05 -10.89 -10.12
N ALA A 141 2.14 -11.61 -10.36
CA ALA A 141 2.27 -12.37 -11.60
C ALA A 141 1.47 -13.66 -11.62
N VAL A 142 1.24 -14.29 -10.48
CA VAL A 142 0.62 -15.61 -10.43
C VAL A 142 -0.56 -15.58 -9.49
N GLY A 143 -1.69 -16.12 -9.95
CA GLY A 143 -2.85 -16.35 -9.10
C GLY A 143 -3.93 -15.31 -9.16
N PHE A 144 -3.84 -14.33 -10.05
CA PHE A 144 -4.81 -13.24 -10.12
C PHE A 144 -5.43 -13.05 -11.50
N LEU A 145 -4.94 -13.75 -12.52
CA LEU A 145 -5.45 -13.54 -13.88
C LEU A 145 -5.71 -14.91 -14.49
N THR A 146 -6.95 -15.13 -14.94
CA THR A 146 -7.30 -16.29 -15.72
C THR A 146 -7.84 -15.82 -17.07
N LYS A 147 -8.22 -16.77 -17.91
CA LYS A 147 -8.84 -16.40 -19.18
C LYS A 147 -10.22 -15.78 -18.98
N ASP A 148 -10.84 -15.96 -17.80
CA ASP A 148 -12.19 -15.51 -17.56
C ASP A 148 -12.31 -14.30 -16.63
N THR A 149 -11.40 -14.14 -15.69
CA THR A 149 -11.51 -13.05 -14.71
C THR A 149 -10.14 -12.50 -14.36
N VAL A 150 -10.15 -11.25 -13.90
CA VAL A 150 -8.98 -10.66 -13.28
C VAL A 150 -9.34 -10.28 -11.85
N THR A 151 -8.43 -10.55 -10.91
CA THR A 151 -8.57 -10.12 -9.53
C THR A 151 -7.67 -8.92 -9.30
N LEU A 152 -8.24 -7.83 -8.76
CA LEU A 152 -7.45 -6.66 -8.44
C LEU A 152 -7.51 -6.41 -6.94
N ASN A 153 -6.42 -5.89 -6.41
CA ASN A 153 -6.40 -5.37 -5.04
C ASN A 153 -6.30 -3.85 -5.18
N LEU A 154 -7.39 -3.15 -4.86
CA LEU A 154 -7.40 -1.70 -5.08
C LEU A 154 -6.40 -0.97 -4.18
N SER A 155 -6.09 -1.55 -3.02
CA SER A 155 -5.08 -0.97 -2.14
C SER A 155 -3.68 -1.09 -2.69
N TYR A 156 -3.47 -1.85 -3.77
CA TYR A 156 -2.13 -1.87 -4.38
C TYR A 156 -1.92 -0.70 -5.32
N TYR A 157 -2.96 0.10 -5.59
CA TYR A 157 -2.81 1.36 -6.31
C TYR A 157 -2.22 2.37 -5.34
N VAL A 158 -0.90 2.26 -5.16
CA VAL A 158 -0.17 3.16 -4.28
C VAL A 158 -0.06 4.48 -5.03
N MET A 159 -1.10 5.30 -4.93
CA MET A 159 -1.23 6.44 -5.84
C MET A 159 -0.04 7.40 -5.82
N PRO A 160 0.56 7.76 -4.68
CA PRO A 160 1.74 8.64 -4.73
C PRO A 160 2.91 8.03 -5.46
N SER A 161 2.99 6.69 -5.52
CA SER A 161 4.05 6.05 -6.28
C SER A 161 3.79 6.11 -7.78
N LEU A 162 2.53 5.92 -8.18
CA LEU A 162 2.17 6.08 -9.60
C LEU A 162 2.42 7.51 -10.06
N MET A 163 2.12 8.50 -9.21
CA MET A 163 2.38 9.89 -9.56
C MET A 163 3.88 10.13 -9.71
N GLN A 164 4.68 9.52 -8.83
CA GLN A 164 6.13 9.65 -8.95
C GLN A 164 6.64 9.04 -10.25
N ALA A 165 6.08 7.88 -10.63
CA ALA A 165 6.51 7.25 -11.88
C ALA A 165 6.24 8.15 -13.08
N PHE A 166 5.10 8.83 -13.09
CA PHE A 166 4.82 9.77 -14.17
C PHE A 166 5.78 10.96 -14.14
N ALA A 167 6.07 11.48 -12.94
CA ALA A 167 7.01 12.59 -12.82
C ALA A 167 8.40 12.23 -13.35
N LEU A 168 8.82 10.98 -13.17
CA LEU A 168 10.16 10.56 -13.59
C LEU A 168 10.24 10.26 -15.08
N THR A 169 9.16 9.74 -15.69
CA THR A 169 9.21 9.21 -17.05
C THR A 169 8.47 10.05 -18.07
N GLY A 170 7.45 10.80 -17.66
CA GLY A 170 6.57 11.45 -18.61
C GLY A 170 5.73 10.51 -19.46
N ASP A 171 5.66 9.23 -19.09
CA ASP A 171 4.94 8.24 -19.90
C ASP A 171 3.44 8.36 -19.63
N ALA A 172 2.68 8.68 -20.68
CA ALA A 172 1.24 8.88 -20.56
C ALA A 172 0.48 7.62 -20.15
N LYS A 173 1.08 6.44 -20.30
CA LYS A 173 0.43 5.23 -19.83
C LYS A 173 0.24 5.24 -18.32
N TRP A 174 1.14 5.91 -17.58
CA TRP A 174 0.94 6.02 -16.14
C TRP A 174 -0.30 6.86 -15.83
N THR A 175 -0.54 7.90 -16.63
CA THR A 175 -1.75 8.70 -16.48
C THR A 175 -2.99 7.85 -16.72
N LYS A 176 -2.94 6.97 -17.72
CA LYS A 176 -4.07 6.11 -18.03
C LYS A 176 -4.32 5.09 -16.90
N VAL A 177 -3.25 4.51 -16.36
CA VAL A 177 -3.39 3.57 -15.25
C VAL A 177 -4.05 4.24 -14.05
N MET A 178 -3.58 5.45 -13.70
CA MET A 178 -4.14 6.19 -12.56
C MET A 178 -5.60 6.56 -12.81
N GLY A 179 -5.90 7.06 -14.01
CA GLY A 179 -7.25 7.51 -14.30
C GLY A 179 -8.24 6.37 -14.39
N ASP A 180 -7.82 5.26 -15.00
CA ASP A 180 -8.69 4.08 -14.99
C ASP A 180 -8.84 3.52 -13.58
N GLY A 181 -7.77 3.60 -12.77
CA GLY A 181 -7.87 3.16 -11.38
C GLY A 181 -8.94 3.93 -10.60
N LEU A 182 -8.99 5.25 -10.79
CA LEU A 182 -10.03 6.04 -10.14
C LEU A 182 -11.42 5.63 -10.61
N GLN A 183 -11.57 5.35 -11.91
CA GLN A 183 -12.86 4.88 -12.43
C GLN A 183 -13.23 3.54 -11.82
N ILE A 184 -12.27 2.63 -11.71
CA ILE A 184 -12.54 1.31 -11.13
C ILE A 184 -12.91 1.43 -9.65
N ILE A 185 -12.19 2.28 -8.90
CA ILE A 185 -12.51 2.46 -7.49
C ILE A 185 -13.90 3.07 -7.31
N ALA A 186 -14.26 4.04 -8.13
CA ALA A 186 -15.59 4.63 -8.03
C ALA A 186 -16.68 3.58 -8.25
N LYS A 187 -16.48 2.68 -9.22
CA LYS A 187 -17.52 1.71 -9.56
C LYS A 187 -17.50 0.48 -8.67
N GLY A 188 -16.32 0.03 -8.26
CA GLY A 188 -16.19 -1.22 -7.51
C GLY A 188 -16.40 -1.02 -6.03
N ARG A 189 -17.58 -0.55 -5.66
CA ARG A 189 -17.93 -0.35 -4.26
C ARG A 189 -19.25 -1.05 -3.97
N PHE A 190 -19.37 -1.56 -2.74
CA PHE A 190 -20.39 -2.56 -2.46
C PHE A 190 -21.01 -2.32 -1.10
N GLY A 191 -22.24 -2.80 -0.95
CA GLY A 191 -22.85 -2.85 0.36
C GLY A 191 -23.47 -1.53 0.74
N GLU A 192 -24.07 -1.53 1.93
CA GLU A 192 -24.80 -0.37 2.44
C GLU A 192 -23.89 0.84 2.66
N TRP A 193 -22.58 0.65 2.85
CA TRP A 193 -21.66 1.75 3.05
C TRP A 193 -20.91 2.15 1.78
N LYS A 194 -21.11 1.41 0.68
CA LYS A 194 -20.49 1.72 -0.60
C LYS A 194 -18.97 1.77 -0.47
N LEU A 195 -18.41 0.67 0.04
CA LEU A 195 -16.98 0.57 0.33
C LEU A 195 -16.27 -0.30 -0.71
N PRO A 196 -15.00 -0.04 -0.95
CA PRO A 196 -14.23 -0.93 -1.83
C PRO A 196 -13.91 -2.21 -1.12
N PRO A 197 -13.82 -3.34 -1.81
CA PRO A 197 -13.43 -4.59 -1.18
C PRO A 197 -11.90 -4.70 -1.10
N ASP A 198 -11.46 -5.59 -0.21
CA ASP A 198 -10.06 -6.00 -0.21
C ASP A 198 -9.66 -6.53 -1.59
N TRP A 199 -10.53 -7.30 -2.24
CA TRP A 199 -10.23 -7.97 -3.50
C TRP A 199 -11.43 -7.84 -4.42
N LEU A 200 -11.20 -7.29 -5.62
CA LEU A 200 -12.23 -7.04 -6.61
C LEU A 200 -12.03 -7.99 -7.79
N SER A 201 -13.13 -8.47 -8.38
CA SER A 201 -13.06 -9.26 -9.61
C SER A 201 -13.72 -8.50 -10.76
N ILE A 202 -13.08 -8.52 -11.94
CA ILE A 202 -13.70 -8.03 -13.17
C ILE A 202 -13.76 -9.21 -14.14
N ASN A 203 -14.97 -9.48 -14.65
CA ASN A 203 -15.13 -10.55 -15.63
C ASN A 203 -14.60 -10.08 -16.98
N LEU A 204 -13.70 -10.87 -17.56
CA LEU A 204 -13.03 -10.46 -18.79
C LEU A 204 -13.94 -10.58 -20.02
N HIS A 205 -15.01 -11.35 -19.92
CA HIS A 205 -15.93 -11.53 -21.04
C HIS A 205 -17.12 -10.57 -21.02
N THR A 206 -17.43 -9.94 -19.88
CA THR A 206 -18.58 -9.05 -19.79
C THR A 206 -18.26 -7.68 -19.19
N ASN A 207 -17.13 -7.52 -18.52
CA ASN A 207 -16.77 -6.32 -17.75
C ASN A 207 -17.60 -6.13 -16.49
N ALA A 208 -18.34 -7.14 -16.04
CA ALA A 208 -19.08 -7.03 -14.79
C ALA A 208 -18.13 -7.08 -13.60
N PHE A 209 -18.43 -6.27 -12.59
CA PHE A 209 -17.63 -6.15 -11.36
C PHE A 209 -18.28 -6.94 -10.23
N SER A 210 -17.44 -7.59 -9.41
CA SER A 210 -17.93 -8.32 -8.27
C SER A 210 -16.85 -8.39 -7.19
N ILE A 211 -17.25 -8.81 -6.01
CA ILE A 211 -16.30 -9.09 -4.94
C ILE A 211 -15.63 -10.43 -5.26
N ALA A 212 -14.30 -10.46 -5.20
CA ALA A 212 -13.58 -11.64 -5.66
C ALA A 212 -13.83 -12.84 -4.75
N LYS A 213 -13.98 -14.01 -5.37
CA LYS A 213 -13.96 -15.25 -4.61
C LYS A 213 -12.53 -15.56 -4.18
N GLY A 214 -12.40 -16.34 -3.10
CA GLY A 214 -11.11 -16.75 -2.61
C GLY A 214 -10.66 -16.04 -1.36
N TRP A 215 -11.36 -15.00 -0.92
CA TRP A 215 -11.12 -14.31 0.33
C TRP A 215 -12.47 -13.86 0.88
N PRO A 216 -12.57 -13.66 2.19
CA PRO A 216 -13.84 -13.19 2.76
C PRO A 216 -14.25 -11.88 2.10
N PRO A 217 -15.54 -11.68 1.84
CA PRO A 217 -16.01 -10.52 1.06
C PRO A 217 -16.13 -9.26 1.91
N ARG A 218 -14.98 -8.68 2.26
CA ARG A 218 -14.90 -7.64 3.29
C ARG A 218 -14.16 -6.41 2.81
N PHE A 219 -14.43 -5.30 3.47
CA PHE A 219 -13.56 -4.14 3.57
C PHE A 219 -12.79 -4.32 4.87
N SER A 220 -11.49 -4.50 4.79
CA SER A 220 -10.68 -4.76 5.97
C SER A 220 -9.23 -4.32 5.82
N TYR A 221 -8.31 -5.22 6.11
CA TYR A 221 -6.94 -4.84 6.34
C TYR A 221 -6.17 -4.40 5.09
N ASP A 222 -6.67 -4.76 3.92
CA ASP A 222 -6.14 -4.25 2.67
C ASP A 222 -6.83 -2.94 2.25
N ALA A 223 -8.15 -2.98 2.21
CA ALA A 223 -8.94 -1.89 1.65
C ALA A 223 -8.83 -0.59 2.43
N ILE A 224 -8.41 -0.68 3.67
CA ILE A 224 -8.35 0.50 4.50
C ILE A 224 -7.22 1.36 4.01
N ARG A 225 -6.29 0.92 3.20
N ARG A 225 -6.29 0.92 3.20
CA ARG A 225 -5.36 1.82 2.56
CA ARG A 225 -5.37 1.82 2.56
C ARG A 225 -5.95 2.72 1.47
C ARG A 225 -5.96 2.73 1.49
N VAL A 226 -7.03 2.28 0.87
CA VAL A 226 -7.58 2.99 -0.28
C VAL A 226 -7.90 4.46 0.01
N PRO A 227 -8.74 4.73 1.00
CA PRO A 227 -9.00 6.15 1.30
C PRO A 227 -7.73 6.92 1.65
N LEU A 228 -6.75 6.27 2.28
CA LEU A 228 -5.50 6.96 2.59
C LEU A 228 -4.73 7.34 1.34
N TYR A 229 -4.54 6.40 0.40
CA TYR A 229 -3.78 6.72 -0.81
C TYR A 229 -4.48 7.75 -1.67
N LEU A 230 -5.82 7.67 -1.76
CA LEU A 230 -6.58 8.65 -2.53
C LEU A 230 -6.46 10.04 -1.91
N SER A 231 -6.57 10.14 -0.59
CA SER A 231 -6.41 11.43 0.07
C SER A 231 -5.00 11.97 -0.13
N TRP A 232 -4.00 11.13 0.09
CA TRP A 232 -2.60 11.54 -0.01
C TRP A 232 -2.29 12.09 -1.41
N ALA A 233 -2.83 11.46 -2.44
CA ALA A 233 -2.61 11.87 -3.82
C ALA A 233 -3.56 12.97 -4.30
N HIS A 234 -4.43 13.49 -3.42
CA HIS A 234 -5.40 14.54 -3.79
C HIS A 234 -6.38 14.07 -4.86
N MET A 235 -6.74 12.80 -4.80
CA MET A 235 -7.65 12.18 -5.75
C MET A 235 -8.98 11.78 -5.13
N LEU A 236 -9.21 12.06 -3.84
CA LEU A 236 -10.45 11.68 -3.18
C LEU A 236 -11.54 12.68 -3.55
N THR A 237 -12.55 12.22 -4.30
CA THR A 237 -13.62 13.08 -4.76
C THR A 237 -14.53 13.46 -3.59
N PRO A 238 -15.29 14.55 -3.73
CA PRO A 238 -16.32 14.87 -2.71
C PRO A 238 -17.28 13.72 -2.43
N GLU A 239 -17.78 13.06 -3.47
CA GLU A 239 -18.67 11.92 -3.29
C GLU A 239 -18.05 10.86 -2.39
N LEU A 240 -16.81 10.47 -2.68
CA LEU A 240 -16.17 9.39 -1.93
C LEU A 240 -15.82 9.83 -0.51
N LEU A 241 -15.35 11.07 -0.34
CA LEU A 241 -15.06 11.56 1.00
C LEU A 241 -16.31 11.55 1.87
N ALA A 242 -17.46 11.92 1.29
CA ALA A 242 -18.70 11.92 2.06
C ALA A 242 -19.10 10.51 2.47
N ASP A 243 -18.92 9.54 1.56
CA ASP A 243 -19.25 8.15 1.87
C ASP A 243 -18.34 7.59 2.96
N PHE A 244 -17.03 7.82 2.86
CA PHE A 244 -16.14 7.35 3.93
C PHE A 244 -16.47 8.04 5.26
N SER A 245 -16.76 9.35 5.21
N SER A 245 -16.76 9.35 5.21
CA SER A 245 -17.07 10.09 6.43
CA SER A 245 -17.08 10.10 6.42
C SER A 245 -18.31 9.53 7.12
C SER A 245 -18.30 9.54 7.12
N ARG A 246 -19.34 9.19 6.35
CA ARG A 246 -20.55 8.62 6.93
C ARG A 246 -20.25 7.29 7.62
N PHE A 247 -19.36 6.51 7.02
CA PHE A 247 -18.97 5.22 7.59
C PHE A 247 -18.21 5.40 8.90
N TRP A 248 -17.15 6.22 8.90
CA TRP A 248 -16.37 6.39 10.13
C TRP A 248 -17.24 6.91 11.26
N ASN A 249 -18.09 7.90 10.96
CA ASN A 249 -18.86 8.56 12.01
C ASN A 249 -20.02 7.72 12.52
N HIS A 250 -20.49 6.75 11.74
CA HIS A 250 -21.52 5.83 12.25
C HIS A 250 -20.99 5.00 13.40
N TYR A 251 -19.74 4.54 13.30
CA TYR A 251 -19.16 3.70 14.33
C TYR A 251 -18.44 4.49 15.40
N GLY A 252 -17.81 5.60 15.03
CA GLY A 252 -17.13 6.43 16.00
C GLY A 252 -15.69 6.01 16.26
N ALA A 253 -14.92 6.97 16.79
CA ALA A 253 -13.49 6.77 16.97
C ALA A 253 -13.18 5.64 17.94
N SER A 254 -14.09 5.33 18.86
CA SER A 254 -13.87 4.29 19.86
C SER A 254 -14.30 2.90 19.41
N ALA A 255 -14.93 2.76 18.22
CA ALA A 255 -15.48 1.46 17.85
C ALA A 255 -15.38 1.20 16.35
N LEU A 256 -14.33 1.68 15.68
CA LEU A 256 -14.20 1.37 14.27
C LEU A 256 -14.03 -0.14 14.11
N PRO A 257 -14.70 -0.75 13.18
CA PRO A 257 -14.59 -2.21 13.01
C PRO A 257 -13.29 -2.61 12.32
N GLY A 258 -12.75 -3.75 12.68
CA GLY A 258 -11.61 -4.30 11.95
C GLY A 258 -11.99 -4.78 10.56
N TRP A 259 -13.21 -5.31 10.42
CA TRP A 259 -13.71 -5.65 9.09
C TRP A 259 -15.21 -5.44 9.05
N VAL A 260 -15.70 -5.15 7.85
N VAL A 260 -15.71 -5.19 7.84
CA VAL A 260 -17.13 -5.19 7.58
CA VAL A 260 -17.14 -5.14 7.55
C VAL A 260 -17.37 -6.08 6.36
C VAL A 260 -17.41 -6.02 6.32
N ASP A 261 -18.40 -6.91 6.44
CA ASP A 261 -18.80 -7.78 5.34
C ASP A 261 -19.65 -6.97 4.38
N LEU A 262 -19.25 -6.94 3.12
CA LEU A 262 -19.91 -6.11 2.11
C LEU A 262 -21.15 -6.75 1.50
N THR A 263 -21.48 -7.97 1.89
CA THR A 263 -22.71 -8.62 1.41
C THR A 263 -23.84 -8.59 2.42
N ASN A 264 -23.56 -8.43 3.72
CA ASN A 264 -24.63 -8.38 4.71
C ASN A 264 -24.46 -7.31 5.78
N GLY A 265 -23.39 -6.53 5.75
CA GLY A 265 -23.20 -5.49 6.74
C GLY A 265 -22.67 -5.94 8.08
N ALA A 266 -22.43 -7.24 8.29
CA ALA A 266 -21.89 -7.68 9.56
C ALA A 266 -20.51 -7.08 9.81
N ARG A 267 -20.21 -6.76 11.05
CA ARG A 267 -18.89 -6.25 11.40
C ARG A 267 -18.17 -7.23 12.31
N SER A 268 -16.84 -7.10 12.34
CA SER A 268 -16.06 -7.87 13.28
C SER A 268 -16.53 -7.57 14.71
N PRO A 269 -16.56 -8.56 15.59
CA PRO A 269 -16.92 -8.25 16.99
C PRO A 269 -15.90 -7.35 17.66
N TYR A 270 -14.63 -7.48 17.28
CA TYR A 270 -13.57 -6.66 17.84
C TYR A 270 -13.45 -5.38 17.04
N ASN A 271 -12.73 -4.41 17.61
CA ASN A 271 -12.48 -3.14 16.97
C ASN A 271 -11.13 -3.16 16.26
N ALA A 272 -10.98 -2.21 15.34
CA ALA A 272 -9.78 -2.07 14.54
C ALA A 272 -8.61 -1.59 15.40
N PRO A 273 -7.39 -1.80 14.93
CA PRO A 273 -6.22 -1.22 15.61
C PRO A 273 -6.13 0.27 15.37
N PRO A 274 -5.27 0.96 16.10
CA PRO A 274 -5.14 2.43 15.96
C PRO A 274 -4.78 2.90 14.57
N GLY A 275 -4.11 2.08 13.76
CA GLY A 275 -3.83 2.51 12.39
C GLY A 275 -5.08 2.85 11.60
N TYR A 276 -6.20 2.15 11.85
CA TYR A 276 -7.42 2.55 11.14
C TYR A 276 -7.89 3.92 11.58
N LEU A 277 -7.76 4.22 12.87
CA LEU A 277 -8.12 5.55 13.35
C LEU A 277 -7.26 6.61 12.70
N ALA A 278 -5.98 6.31 12.48
CA ALA A 278 -5.11 7.23 11.75
C ALA A 278 -5.66 7.52 10.36
N VAL A 279 -6.05 6.48 9.62
CA VAL A 279 -6.64 6.65 8.29
C VAL A 279 -7.94 7.47 8.37
N ALA A 280 -8.83 7.09 9.30
CA ALA A 280 -10.11 7.79 9.41
C ALA A 280 -9.94 9.25 9.74
N SER A 281 -8.97 9.58 10.59
N SER A 281 -8.96 9.59 10.57
CA SER A 281 -8.67 10.96 10.93
CA SER A 281 -8.71 10.96 10.92
C SER A 281 -8.26 11.77 9.71
C SER A 281 -8.27 11.79 9.71
N CYS A 282 -7.71 11.14 8.68
CA CYS A 282 -7.27 11.86 7.49
C CYS A 282 -8.40 11.96 6.45
N THR A 283 -9.50 11.24 6.65
CA THR A 283 -10.53 11.08 5.63
C THR A 283 -11.95 11.22 6.20
N GLY A 284 -12.15 12.19 7.10
CA GLY A 284 -13.49 12.61 7.45
C GLY A 284 -13.98 12.27 8.85
N LEU A 285 -13.18 11.61 9.68
CA LEU A 285 -13.68 11.30 11.00
C LEU A 285 -13.65 12.53 11.88
N ALA A 286 -14.70 12.70 12.67
CA ALA A 286 -14.87 13.83 13.59
C ALA A 286 -14.49 13.38 14.98
N SER A 287 -13.55 14.05 15.63
CA SER A 287 -12.73 15.09 15.05
C SER A 287 -11.33 14.54 14.98
N ALA A 288 -10.68 14.72 13.83
CA ALA A 288 -9.36 14.17 13.61
C ALA A 288 -8.42 14.37 14.81
N GLU A 290 -5.79 14.10 16.85
CA GLU A 290 -4.40 13.97 16.46
C GLU A 290 -3.89 12.50 16.35
N LEU A 291 -2.95 12.26 15.45
CA LEU A 291 -2.54 10.90 15.18
C LEU A 291 -2.05 10.11 16.39
N PRO A 292 -2.37 8.82 16.34
CA PRO A 292 -1.89 7.89 17.34
C PRO A 292 -0.37 7.84 17.27
N THR A 293 0.29 7.47 18.34
CA THR A 293 1.73 7.36 18.35
C THR A 293 2.21 5.91 18.44
N LEU A 294 3.37 5.65 17.88
CA LEU A 294 3.80 4.27 17.73
C LEU A 294 4.20 3.59 19.03
N ASP A 295 4.46 4.35 20.09
CA ASP A 295 4.72 3.71 21.37
C ASP A 295 3.49 2.98 21.93
N HIS A 296 2.30 3.24 21.38
CA HIS A 296 1.08 2.54 21.78
C HIS A 296 0.61 1.52 20.75
N ALA A 297 1.37 1.31 19.67
CA ALA A 297 0.92 0.42 18.62
C ALA A 297 0.79 -1.01 19.15
N PRO A 298 -0.35 -1.67 18.94
CA PRO A 298 -0.51 -3.05 19.44
C PRO A 298 0.25 -4.08 18.65
N ASP A 299 0.61 -3.79 17.41
CA ASP A 299 1.29 -4.76 16.57
C ASP A 299 1.95 -4.06 15.39
N TYR A 300 2.72 -4.84 14.64
CA TYR A 300 3.43 -4.33 13.47
C TYR A 300 2.49 -3.76 12.42
N TYR A 301 1.38 -4.46 12.13
CA TYR A 301 0.47 -3.97 11.10
C TYR A 301 0.00 -2.55 11.42
N SER A 302 -0.42 -2.34 12.67
CA SER A 302 -0.95 -1.04 13.06
C SER A 302 0.15 0.03 13.02
N ALA A 303 1.35 -0.33 13.45
CA ALA A 303 2.46 0.63 13.46
C ALA A 303 2.80 1.10 12.04
N ALA A 304 2.86 0.18 11.08
CA ALA A 304 3.16 0.57 9.71
C ALA A 304 2.07 1.45 9.12
N LEU A 305 0.81 1.11 9.37
CA LEU A 305 -0.29 1.92 8.83
C LEU A 305 -0.30 3.32 9.44
N THR A 306 -0.04 3.42 10.76
CA THR A 306 0.06 4.72 11.41
C THR A 306 1.20 5.55 10.83
N MET A 307 2.37 4.93 10.60
CA MET A 307 3.47 5.65 9.98
C MET A 307 3.09 6.17 8.59
N LEU A 308 2.40 5.35 7.79
CA LEU A 308 1.93 5.81 6.47
C LEU A 308 1.06 7.05 6.61
N ALA A 309 0.22 7.09 7.65
CA ALA A 309 -0.62 8.27 7.88
C ALA A 309 0.20 9.51 8.23
N TYR A 310 1.26 9.37 9.03
CA TYR A 310 2.16 10.48 9.32
C TYR A 310 2.79 11.02 8.04
N ILE A 311 3.21 10.12 7.15
CA ILE A 311 3.85 10.54 5.91
C ILE A 311 2.84 11.25 5.01
N ALA A 312 1.61 10.73 4.94
CA ALA A 312 0.56 11.37 4.15
C ALA A 312 0.18 12.75 4.70
N ARG A 313 0.07 12.88 6.03
N ARG A 313 0.07 12.87 6.04
CA ARG A 313 -0.28 14.16 6.62
CA ARG A 313 -0.26 14.18 6.65
C ARG A 313 0.74 15.23 6.25
C ARG A 313 0.76 15.24 6.27
N ASN A 314 2.04 14.87 6.27
CA ASN A 314 3.11 15.76 5.86
C ASN A 314 3.08 17.11 6.58
N GLN A 315 2.97 17.05 7.91
CA GLN A 315 2.90 18.27 8.72
C GLN A 315 4.13 19.14 8.52
N ALA A 316 5.30 18.53 8.30
CA ALA A 316 6.53 19.29 8.09
C ALA A 316 6.60 19.92 6.71
N ASP A 317 5.67 19.59 5.82
CA ASP A 317 5.62 20.15 4.47
C ASP A 317 6.93 19.90 3.71
N LEU A 318 7.34 18.64 3.67
CA LEU A 318 8.49 18.22 2.87
C LEU A 318 8.02 17.68 1.52
N TYR A 319 8.79 17.98 0.50
CA TYR A 319 8.50 17.53 -0.86
C TYR A 319 9.80 17.11 -1.48
N PHE A 320 9.90 15.85 -1.89
CA PHE A 320 11.16 15.39 -2.45
C PHE A 320 11.18 15.60 -3.95
N ALA A 321 12.20 16.30 -4.44
CA ALA A 321 12.28 16.73 -5.82
C ALA A 321 13.71 16.72 -6.33
C1 GOL B . -8.74 1.94 17.54
O1 GOL B . -7.87 2.56 18.45
C2 GOL B . -10.05 1.57 18.25
O2 GOL B . -10.38 2.57 19.18
C3 GOL B . -11.18 1.44 17.24
O3 GOL B . -11.75 2.71 16.95
C1 GOL C . 16.78 -11.97 12.65
O1 GOL C . 16.07 -13.14 12.27
C2 GOL C . 18.04 -11.83 11.80
O2 GOL C . 17.81 -10.90 10.77
C3 GOL C . 19.18 -11.31 12.66
O3 GOL C . 18.85 -10.02 13.14
C1 GOL D . -10.29 -18.48 -6.14
O1 GOL D . -11.68 -18.31 -6.07
C2 GOL D . -9.75 -17.96 -7.45
O2 GOL D . -10.37 -18.64 -8.53
C3 GOL D . -10.09 -16.49 -7.53
O3 GOL D . -9.53 -15.87 -6.39
C1 GOL E . 18.24 -12.27 -36.99
O1 GOL E . 17.54 -11.37 -37.84
C2 GOL E . 17.53 -12.28 -35.64
O2 GOL E . 18.34 -12.99 -34.70
C3 GOL E . 16.21 -13.01 -35.82
O3 GOL E . 15.54 -12.68 -37.02
#